data_8GSW
#
_entry.id   8GSW
#
_cell.length_a   56.979
_cell.length_b   92.788
_cell.length_c   116.710
_cell.angle_alpha   90.000
_cell.angle_beta   90.000
_cell.angle_gamma   90.000
#
_symmetry.space_group_name_H-M   'P 21 21 21'
#
loop_
_entity.id
_entity.type
_entity.pdbx_description
1 polymer 'Actin, alpha cardiac muscle 1'
2 polymer 'Actin-binding protein fragmin P'
3 non-polymer 'PHOSPHOAMINOPHOSPHONIC ACID-ADENYLATE ESTER'
4 non-polymer 'MAGNESIUM ION'
5 non-polymer 'PHOSPHATE ION'
6 non-polymer 1,2-ETHANEDIOL
7 non-polymer 'CALCIUM ION'
8 water water
#
loop_
_entity_poly.entity_id
_entity_poly.type
_entity_poly.pdbx_seq_one_letter_code
_entity_poly.pdbx_strand_id
1 'polypeptide(L)'
;MGWSHPQFEKGGIEGRDDEETTALVCDNGSGLVKAGFAGDDAPRAVFPSIVGRPRHQGVMVGMGQKDSYVGDEAQSKRGI
LTLKYPIE(HIC)GIITNWDDMEKIWHHTFYNELRVAPEEHPTLLTEGPLNPKANREKMTQIMFETFNVPAMYVAIQAVL
SLYASGRTTGIVLDSGDGVTHNVPIYEGYALPHAIMRLDLAGRDLTDYLMKILTERGYSFVTTAEREIVRDIKEKLCYVA
LDFENEMATAASSSSLEKSYELPDGQVITIGNERFRCPETLFQPSFIGMESAGIHETTYNSIMKCDIDIRKDLYANNVLS
GGTTMYPGIADRMQKEITALAPSTMKIKIIAPPERKYSVWIGGSILASLSTFQQMWISKQEYDEAGPSIVHRKCF
;
A
2 'polypeptide(L)'
;MQKQKEYNIADSNIANLGTELEKKVKLEASQHEDAWKGAGKQVGVEIWRIQQFKVVPVPKKHHGSFYTGDSYIVLSTYHP
KTNPDKLAYDVHFWLGAFTTQDEAGTAAYKTVELDDYLGGLPVQYREVQGYESERFLSLFPKGGLRILDGGVETGFHHVE
;
B
#
loop_
_chem_comp.id
_chem_comp.type
_chem_comp.name
_chem_comp.formula
ANP non-polymer 'PHOSPHOAMINOPHOSPHONIC ACID-ADENYLATE ESTER' 'C10 H17 N6 O12 P3'
CA non-polymer 'CALCIUM ION' 'Ca 2'
EDO non-polymer 1,2-ETHANEDIOL 'C2 H6 O2'
MG non-polymer 'MAGNESIUM ION' 'Mg 2'
PO4 non-polymer 'PHOSPHATE ION' 'O4 P -3'
#
# COMPACT_ATOMS: atom_id res chain seq x y z
N THR A 21 -2.39 25.35 -2.44
CA THR A 21 -2.95 24.43 -1.45
C THR A 21 -2.38 23.02 -1.63
N THR A 22 -1.60 22.57 -0.65
CA THR A 22 -0.90 21.30 -0.69
C THR A 22 -1.52 20.35 0.31
N ALA A 23 -1.91 19.17 -0.13
CA ALA A 23 -2.42 18.17 0.79
C ALA A 23 -1.28 17.44 1.48
N LEU A 24 -1.52 17.05 2.73
CA LEU A 24 -0.59 16.23 3.48
C LEU A 24 -0.99 14.77 3.30
N VAL A 25 0.00 13.90 3.24
CA VAL A 25 -0.23 12.46 3.20
C VAL A 25 0.49 11.86 4.39
N CYS A 26 -0.26 11.22 5.28
CA CYS A 26 0.30 10.60 6.48
CA CYS A 26 0.28 10.60 6.49
C CYS A 26 -0.13 9.14 6.52
N ASP A 27 0.83 8.24 6.38
CA ASP A 27 0.62 6.80 6.50
C ASP A 27 1.06 6.40 7.89
N ASN A 28 0.09 6.23 8.80
CA ASN A 28 0.40 5.90 10.19
C ASN A 28 0.55 4.40 10.33
N GLY A 29 1.77 3.93 10.17
CA GLY A 29 2.05 2.55 10.42
C GLY A 29 2.10 2.26 11.90
N SER A 30 1.92 0.98 12.22
N SER A 30 1.93 0.99 12.26
CA SER A 30 2.07 0.52 13.59
CA SER A 30 2.07 0.63 13.66
C SER A 30 3.48 0.79 14.11
C SER A 30 3.51 0.80 14.14
N GLY A 31 4.48 0.73 13.23
CA GLY A 31 5.87 0.90 13.61
C GLY A 31 6.50 2.22 13.18
N LEU A 32 6.15 2.70 11.98
CA LEU A 32 6.75 3.90 11.41
C LEU A 32 5.69 4.85 10.88
N VAL A 33 5.82 6.13 11.21
CA VAL A 33 5.08 7.18 10.54
C VAL A 33 5.78 7.49 9.22
N LYS A 34 5.03 7.51 8.13
CA LYS A 34 5.52 8.04 6.86
C LYS A 34 4.64 9.23 6.51
N ALA A 35 5.23 10.43 6.45
CA ALA A 35 4.44 11.63 6.24
C ALA A 35 5.12 12.55 5.24
N GLY A 36 4.31 13.36 4.56
CA GLY A 36 4.87 14.28 3.58
C GLY A 36 3.75 14.99 2.83
N PHE A 37 4.09 15.46 1.63
CA PHE A 37 3.23 16.31 0.83
C PHE A 37 2.82 15.62 -0.45
N ALA A 38 1.52 15.68 -0.76
CA ALA A 38 1.05 15.12 -2.01
C ALA A 38 1.77 15.77 -3.18
N GLY A 39 2.17 14.94 -4.13
CA GLY A 39 2.95 15.38 -5.28
C GLY A 39 4.44 15.12 -5.15
N ASP A 40 4.91 14.83 -3.94
CA ASP A 40 6.30 14.42 -3.75
C ASP A 40 6.45 12.93 -4.06
N ASP A 41 7.66 12.53 -4.47
CA ASP A 41 7.89 11.13 -4.83
C ASP A 41 8.25 10.25 -3.65
N ALA A 42 8.37 10.81 -2.45
CA ALA A 42 8.71 10.04 -1.27
C ALA A 42 8.26 10.83 -0.05
N PRO A 43 8.03 10.17 1.07
CA PRO A 43 7.69 10.91 2.30
C PRO A 43 8.93 11.65 2.80
N ARG A 44 8.71 12.89 3.25
CA ARG A 44 9.78 13.72 3.78
C ARG A 44 10.08 13.44 5.23
N ALA A 45 9.15 12.85 5.98
CA ALA A 45 9.37 12.52 7.38
C ALA A 45 9.06 11.04 7.57
N VAL A 46 10.05 10.29 8.03
CA VAL A 46 9.86 8.88 8.37
C VAL A 46 10.49 8.67 9.73
N PHE A 47 9.70 8.25 10.72
CA PHE A 47 10.22 8.16 12.08
C PHE A 47 9.39 7.16 12.88
N PRO A 48 9.95 6.62 13.97
CA PRO A 48 9.22 5.59 14.73
C PRO A 48 7.97 6.13 15.39
N SER A 49 6.90 5.34 15.27
CA SER A 49 5.61 5.65 15.88
C SER A 49 5.65 5.25 17.35
N ILE A 50 6.45 6.01 18.12
CA ILE A 50 6.72 5.69 19.52
C ILE A 50 6.59 6.93 20.40
N VAL A 51 6.20 6.69 21.63
CA VAL A 51 6.26 7.67 22.70
C VAL A 51 7.06 7.05 23.83
N GLY A 52 8.07 7.77 24.31
CA GLY A 52 8.99 7.27 25.33
C GLY A 52 8.80 8.06 26.62
N ARG A 53 8.86 7.34 27.72
CA ARG A 53 8.76 7.91 29.06
CA ARG A 53 8.76 7.92 29.06
C ARG A 53 9.87 7.34 29.91
N PRO A 54 10.25 8.02 30.99
CA PRO A 54 11.39 7.55 31.80
C PRO A 54 11.26 6.08 32.20
N ARG A 55 12.35 5.34 31.98
CA ARG A 55 12.40 3.94 32.37
C ARG A 55 12.42 3.79 33.89
N HIS A 56 13.09 4.70 34.59
CA HIS A 56 12.94 4.82 36.04
C HIS A 56 11.65 5.57 36.33
N GLN A 57 10.72 4.91 37.01
CA GLN A 57 9.41 5.51 37.28
C GLN A 57 9.49 6.50 38.44
CA LYS A 66 9.15 17.15 29.44
C LYS A 66 9.00 15.82 30.16
N ASP A 67 7.77 15.30 30.18
CA ASP A 67 7.48 13.99 30.77
C ASP A 67 7.54 12.87 29.75
N SER A 68 7.61 13.20 28.46
CA SER A 68 7.55 12.19 27.41
C SER A 68 8.22 12.76 26.17
N TYR A 69 8.65 11.85 25.29
CA TYR A 69 9.32 12.21 24.05
C TYR A 69 8.73 11.37 22.92
N VAL A 70 8.80 11.90 21.69
CA VAL A 70 8.12 11.30 20.57
C VAL A 70 9.11 11.00 19.46
N GLY A 71 8.94 9.85 18.80
CA GLY A 71 9.62 9.60 17.53
C GLY A 71 11.12 9.55 17.68
N ASP A 72 11.80 10.31 16.81
CA ASP A 72 13.27 10.28 16.77
C ASP A 72 13.87 10.79 18.07
N GLU A 73 13.21 11.74 18.75
CA GLU A 73 13.78 12.26 19.99
C GLU A 73 13.61 11.28 21.14
N ALA A 74 12.52 10.51 21.14
CA ALA A 74 12.43 9.37 22.05
C ALA A 74 13.52 8.35 21.71
N GLN A 75 13.72 8.09 20.42
CA GLN A 75 14.82 7.20 20.03
C GLN A 75 16.16 7.77 20.49
N SER A 76 16.33 9.09 20.38
CA SER A 76 17.58 9.71 20.81
C SER A 76 17.85 9.46 22.30
N LYS A 77 16.80 9.42 23.11
CA LYS A 77 16.94 9.21 24.54
C LYS A 77 16.62 7.79 24.95
N ARG A 78 16.75 6.83 24.03
CA ARG A 78 16.41 5.44 24.31
C ARG A 78 17.10 4.92 25.56
N GLY A 79 18.27 5.46 25.89
CA GLY A 79 19.04 4.93 27.01
C GLY A 79 18.34 5.07 28.35
N ILE A 80 17.45 6.05 28.48
CA ILE A 80 16.76 6.33 29.73
C ILE A 80 15.25 6.18 29.62
N LEU A 81 14.73 5.73 28.49
CA LEU A 81 13.29 5.70 28.26
C LEU A 81 12.80 4.28 28.04
N THR A 82 11.55 4.03 28.43
CA THR A 82 10.81 2.86 27.97
C THR A 82 9.90 3.30 26.82
N LEU A 83 9.94 2.56 25.72
CA LEU A 83 9.30 2.95 24.47
C LEU A 83 7.96 2.22 24.35
N LYS A 84 6.92 2.96 23.96
CA LYS A 84 5.59 2.40 23.77
C LYS A 84 5.05 2.79 22.41
N TYR A 85 4.38 1.84 21.76
CA TYR A 85 3.79 2.04 20.45
C TYR A 85 2.30 2.26 20.62
N PRO A 86 1.74 3.42 20.22
CA PRO A 86 0.30 3.64 20.40
C PRO A 86 -0.60 2.86 19.45
N ILE A 87 -0.04 2.27 18.39
CA ILE A 87 -0.79 1.42 17.47
C ILE A 87 -0.33 -0.01 17.68
N GLU A 88 -1.27 -0.93 17.87
CA GLU A 88 -0.95 -2.34 17.92
C GLU A 88 -1.80 -3.06 16.90
N HIC A 89 -1.15 -3.78 15.99
CA HIC A 89 -1.85 -4.56 15.00
C HIC A 89 -2.78 -3.68 14.18
O HIC A 89 -3.94 -3.98 13.86
CB HIC A 89 -2.62 -5.77 15.57
CG HIC A 89 -1.68 -6.73 16.19
ND1 HIC A 89 -0.59 -7.32 15.54
CD2 HIC A 89 -1.73 -7.21 17.53
CE1 HIC A 89 0.02 -8.12 16.43
NE2 HIC A 89 -0.65 -8.09 17.67
CZ HIC A 89 -0.28 -8.82 18.83
N GLY A 90 -2.24 -2.53 13.80
CA GLY A 90 -2.94 -1.59 12.93
C GLY A 90 -4.07 -0.78 13.54
N ILE A 91 -4.30 -0.96 14.85
CA ILE A 91 -5.41 -0.33 15.56
C ILE A 91 -4.85 0.58 16.64
N ILE A 92 -5.35 1.80 16.72
CA ILE A 92 -4.89 2.73 17.73
C ILE A 92 -5.44 2.32 19.10
N THR A 93 -4.53 2.06 20.04
CA THR A 93 -4.92 1.61 21.37
C THR A 93 -4.61 2.62 22.47
N ASN A 94 -3.80 3.63 22.18
CA ASN A 94 -3.54 4.72 23.13
C ASN A 94 -3.78 6.02 22.38
N TRP A 95 -4.99 6.57 22.51
CA TRP A 95 -5.35 7.76 21.77
C TRP A 95 -4.62 9.00 22.25
N ASP A 96 -4.32 9.10 23.54
CA ASP A 96 -3.54 10.24 24.02
CA ASP A 96 -3.55 10.25 24.02
C ASP A 96 -2.17 10.27 23.39
N ASP A 97 -1.50 9.10 23.33
CA ASP A 97 -0.19 9.05 22.70
C ASP A 97 -0.28 9.20 21.19
N MET A 98 -1.35 8.70 20.57
CA MET A 98 -1.49 8.88 19.12
C MET A 98 -1.59 10.36 18.78
N GLU A 99 -2.35 11.11 19.59
CA GLU A 99 -2.43 12.55 19.39
C GLU A 99 -1.06 13.20 19.48
N LYS A 100 -0.22 12.73 20.41
CA LYS A 100 1.15 13.23 20.49
C LYS A 100 1.92 12.96 19.21
N ILE A 101 1.74 11.76 18.64
CA ILE A 101 2.43 11.44 17.39
C ILE A 101 1.96 12.34 16.25
N TRP A 102 0.65 12.54 16.12
CA TRP A 102 0.16 13.42 15.05
C TRP A 102 0.65 14.85 15.26
N HIS A 103 0.57 15.35 16.51
CA HIS A 103 1.04 16.70 16.78
C HIS A 103 2.52 16.83 16.41
N HIS A 104 3.32 15.86 16.81
CA HIS A 104 4.73 15.85 16.45
C HIS A 104 4.93 15.85 14.93
N THR A 105 4.16 15.01 14.23
CA THR A 105 4.28 14.93 12.76
C THR A 105 4.04 16.29 12.12
N PHE A 106 2.98 16.98 12.54
CA PHE A 106 2.63 18.26 11.93
C PHE A 106 3.60 19.35 12.35
N TYR A 107 3.79 19.53 13.65
CA TYR A 107 4.45 20.73 14.13
C TYR A 107 5.96 20.60 14.21
N ASN A 108 6.46 19.43 14.56
CA ASN A 108 7.89 19.26 14.78
C ASN A 108 8.63 18.70 13.57
N GLU A 109 8.03 17.76 12.84
CA GLU A 109 8.68 17.18 11.66
C GLU A 109 8.38 18.02 10.42
N LEU A 110 7.14 17.95 9.92
CA LEU A 110 6.79 18.66 8.70
C LEU A 110 6.78 20.18 8.88
N ARG A 111 6.58 20.66 10.10
CA ARG A 111 6.57 22.09 10.40
C ARG A 111 5.49 22.80 9.58
N VAL A 112 4.27 22.26 9.65
CA VAL A 112 3.11 22.84 8.97
C VAL A 112 2.05 23.15 10.00
N ALA A 113 1.14 24.05 9.62
CA ALA A 113 -0.06 24.30 10.40
C ALA A 113 -1.16 23.41 9.83
N PRO A 114 -1.63 22.39 10.56
CA PRO A 114 -2.57 21.44 9.94
C PRO A 114 -3.88 22.04 9.51
N GLU A 115 -4.31 23.15 10.12
CA GLU A 115 -5.54 23.81 9.67
C GLU A 115 -5.41 24.38 8.27
N GLU A 116 -4.21 24.37 7.68
CA GLU A 116 -3.98 24.90 6.35
C GLU A 116 -3.90 23.81 5.29
N HIS A 117 -4.01 22.54 5.66
CA HIS A 117 -3.72 21.44 4.74
C HIS A 117 -4.79 20.35 4.78
N PRO A 118 -5.48 20.08 3.67
CA PRO A 118 -6.26 18.84 3.61
C PRO A 118 -5.33 17.66 3.85
N THR A 119 -5.82 16.66 4.57
CA THR A 119 -4.95 15.60 5.07
C THR A 119 -5.50 14.22 4.68
N LEU A 120 -4.67 13.42 4.03
CA LEU A 120 -4.97 12.04 3.73
C LEU A 120 -4.32 11.15 4.77
N LEU A 121 -5.12 10.32 5.43
CA LEU A 121 -4.66 9.30 6.36
C LEU A 121 -4.91 7.93 5.74
N THR A 122 -4.31 6.91 6.34
CA THR A 122 -4.40 5.54 5.87
C THR A 122 -4.81 4.60 6.99
N GLU A 123 -5.30 3.44 6.59
CA GLU A 123 -5.73 2.42 7.53
C GLU A 123 -5.68 1.06 6.85
N GLY A 124 -5.37 0.02 7.62
CA GLY A 124 -5.51 -1.33 7.13
C GLY A 124 -6.97 -1.75 7.09
N PRO A 125 -7.31 -2.68 6.21
CA PRO A 125 -8.68 -3.19 6.18
C PRO A 125 -8.97 -4.09 7.36
N LEU A 126 -10.28 -4.27 7.60
CA LEU A 126 -10.82 -5.12 8.67
C LEU A 126 -10.63 -4.53 10.06
N ASN A 127 -10.33 -3.23 10.16
CA ASN A 127 -10.29 -2.56 11.46
C ASN A 127 -11.70 -2.30 11.94
N PRO A 128 -11.91 -2.23 13.25
CA PRO A 128 -13.22 -1.82 13.78
C PRO A 128 -13.54 -0.39 13.36
N LYS A 129 -14.83 -0.15 13.08
CA LYS A 129 -15.25 1.16 12.56
C LYS A 129 -14.90 2.31 13.50
N ALA A 130 -14.84 2.08 14.81
CA ALA A 130 -14.54 3.17 15.73
C ALA A 130 -13.15 3.75 15.49
N ASN A 131 -12.22 2.98 14.93
CA ASN A 131 -10.88 3.51 14.72
C ASN A 131 -10.89 4.72 13.78
N ARG A 132 -11.51 4.60 12.60
CA ARG A 132 -11.53 5.75 11.71
C ARG A 132 -12.51 6.83 12.17
N GLU A 133 -13.54 6.46 12.94
CA GLU A 133 -14.42 7.48 13.53
C GLU A 133 -13.61 8.40 14.42
N LYS A 134 -12.76 7.83 15.27
CA LYS A 134 -11.95 8.65 16.18
C LYS A 134 -10.83 9.36 15.43
N MET A 135 -10.27 8.74 14.39
CA MET A 135 -9.31 9.45 13.53
CA MET A 135 -9.31 9.44 13.54
C MET A 135 -9.94 10.72 12.97
N THR A 136 -11.18 10.60 12.45
CA THR A 136 -11.87 11.74 11.88
C THR A 136 -12.16 12.81 12.93
N GLN A 137 -12.65 12.39 14.09
CA GLN A 137 -12.97 13.32 15.15
C GLN A 137 -11.74 14.14 15.56
N ILE A 138 -10.60 13.47 15.75
CA ILE A 138 -9.41 14.18 16.22
CA ILE A 138 -9.41 14.18 16.21
C ILE A 138 -8.86 15.11 15.13
N MET A 139 -8.85 14.67 13.88
CA MET A 139 -8.37 15.55 12.81
C MET A 139 -9.17 16.84 12.72
N PHE A 140 -10.50 16.75 12.82
CA PHE A 140 -11.34 17.94 12.70
C PHE A 140 -11.39 18.74 14.01
N GLU A 141 -11.60 18.05 15.14
CA GLU A 141 -11.86 18.78 16.38
C GLU A 141 -10.58 19.25 17.05
N THR A 142 -9.51 18.45 16.99
CA THR A 142 -8.24 18.84 17.60
C THR A 142 -7.33 19.58 16.64
N PHE A 143 -7.10 19.04 15.45
CA PHE A 143 -6.15 19.64 14.52
C PHE A 143 -6.78 20.60 13.53
N ASN A 144 -8.11 20.65 13.46
CA ASN A 144 -8.82 21.63 12.65
CA ASN A 144 -8.82 21.62 12.64
C ASN A 144 -8.43 21.55 11.17
N VAL A 145 -8.23 20.34 10.66
CA VAL A 145 -7.92 20.22 9.24
C VAL A 145 -9.10 20.71 8.41
N PRO A 146 -8.86 21.28 7.22
CA PRO A 146 -10.00 21.74 6.40
C PRO A 146 -10.75 20.62 5.71
N ALA A 147 -10.10 19.48 5.48
CA ALA A 147 -10.69 18.34 4.81
C ALA A 147 -9.80 17.15 5.07
N MET A 148 -10.36 15.95 4.95
CA MET A 148 -9.56 14.75 5.18
CA MET A 148 -9.55 14.76 5.17
C MET A 148 -10.22 13.56 4.52
N TYR A 149 -9.45 12.47 4.42
CA TYR A 149 -9.91 11.20 3.87
C TYR A 149 -9.09 10.12 4.53
N VAL A 150 -9.70 8.95 4.72
CA VAL A 150 -8.99 7.76 5.21
C VAL A 150 -9.03 6.71 4.13
N ALA A 151 -7.86 6.33 3.62
CA ALA A 151 -7.73 5.40 2.51
C ALA A 151 -7.23 4.04 3.00
N ILE A 152 -7.62 2.99 2.26
CA ILE A 152 -7.15 1.64 2.56
CA ILE A 152 -7.15 1.64 2.56
C ILE A 152 -5.72 1.49 2.04
N GLN A 153 -4.82 1.07 2.92
CA GLN A 153 -3.39 1.02 2.60
C GLN A 153 -3.11 0.20 1.36
N ALA A 154 -3.62 -1.04 1.31
CA ALA A 154 -3.26 -1.92 0.19
C ALA A 154 -3.74 -1.37 -1.14
N VAL A 155 -4.87 -0.67 -1.16
CA VAL A 155 -5.35 -0.09 -2.41
C VAL A 155 -4.38 0.97 -2.91
N LEU A 156 -3.87 1.81 -1.99
CA LEU A 156 -2.86 2.79 -2.38
C LEU A 156 -1.63 2.11 -2.98
N SER A 157 -1.19 0.99 -2.40
CA SER A 157 -0.01 0.31 -2.97
CA SER A 157 -0.03 0.30 -2.96
C SER A 157 -0.30 -0.25 -4.35
N LEU A 158 -1.51 -0.77 -4.59
CA LEU A 158 -1.80 -1.27 -5.93
C LEU A 158 -1.69 -0.16 -6.96
N TYR A 159 -2.30 1.00 -6.68
CA TYR A 159 -2.19 2.11 -7.62
C TYR A 159 -0.74 2.55 -7.79
N ALA A 160 0.04 2.55 -6.70
CA ALA A 160 1.45 2.91 -6.82
C ALA A 160 2.19 1.98 -7.79
N SER A 161 1.74 0.73 -7.91
CA SER A 161 2.37 -0.21 -8.82
C SER A 161 1.85 -0.06 -10.26
N GLY A 162 0.95 0.88 -10.52
CA GLY A 162 0.42 1.06 -11.84
C GLY A 162 -0.60 0.02 -12.25
N ARG A 163 -1.39 -0.49 -11.29
CA ARG A 163 -2.36 -1.54 -11.56
C ARG A 163 -3.73 -1.16 -11.01
N THR A 164 -4.77 -1.73 -11.63
CA THR A 164 -6.12 -1.72 -11.09
C THR A 164 -6.58 -3.09 -10.65
N THR A 165 -5.88 -4.15 -11.05
CA THR A 165 -6.20 -5.53 -10.68
C THR A 165 -4.95 -6.22 -10.15
N GLY A 166 -5.10 -6.85 -8.99
CA GLY A 166 -4.02 -7.61 -8.40
C GLY A 166 -4.37 -7.95 -6.98
N ILE A 167 -3.51 -8.75 -6.36
CA ILE A 167 -3.68 -9.07 -4.94
C ILE A 167 -2.48 -8.57 -4.17
N VAL A 168 -2.72 -7.68 -3.22
CA VAL A 168 -1.64 -7.08 -2.45
C VAL A 168 -1.41 -7.91 -1.21
N LEU A 169 -0.14 -8.23 -0.94
CA LEU A 169 0.29 -8.73 0.36
C LEU A 169 0.97 -7.55 1.03
N ASP A 170 0.30 -6.93 2.00
CA ASP A 170 0.81 -5.75 2.71
CA ASP A 170 0.80 -5.76 2.71
C ASP A 170 1.21 -6.20 4.11
N SER A 171 2.52 -6.20 4.37
CA SER A 171 3.04 -6.68 5.65
C SER A 171 3.97 -5.63 6.23
N GLY A 172 3.57 -5.02 7.35
CA GLY A 172 4.35 -3.98 7.96
C GLY A 172 4.90 -4.42 9.29
N ASP A 173 4.73 -3.58 10.31
CA ASP A 173 5.16 -3.94 11.65
C ASP A 173 4.05 -4.60 12.46
N GLY A 174 2.80 -4.34 12.12
CA GLY A 174 1.70 -4.78 12.95
C GLY A 174 0.78 -5.82 12.35
N VAL A 175 0.42 -5.70 11.07
CA VAL A 175 -0.55 -6.59 10.44
C VAL A 175 0.00 -7.04 9.09
N THR A 176 -0.42 -8.22 8.69
CA THR A 176 -0.20 -8.73 7.35
C THR A 176 -1.59 -8.92 6.71
N HIS A 177 -1.85 -8.21 5.63
CA HIS A 177 -3.10 -8.28 4.93
C HIS A 177 -2.96 -8.81 3.52
N ASN A 178 -3.95 -9.55 3.08
CA ASN A 178 -4.11 -10.02 1.72
C ASN A 178 -5.32 -9.27 1.19
N VAL A 179 -5.13 -8.48 0.14
CA VAL A 179 -6.22 -7.66 -0.37
C VAL A 179 -6.34 -7.84 -1.88
N PRO A 180 -7.28 -8.67 -2.35
CA PRO A 180 -7.51 -8.78 -3.79
C PRO A 180 -8.39 -7.65 -4.29
N ILE A 181 -8.00 -7.11 -5.44
CA ILE A 181 -8.63 -5.92 -6.01
C ILE A 181 -8.83 -6.18 -7.50
N TYR A 182 -10.02 -5.88 -8.00
CA TYR A 182 -10.35 -6.13 -9.40
C TYR A 182 -10.95 -4.86 -10.01
N GLU A 183 -10.32 -4.37 -11.08
CA GLU A 183 -10.81 -3.17 -11.77
C GLU A 183 -11.01 -2.00 -10.81
N GLY A 184 -10.12 -1.90 -9.82
CA GLY A 184 -10.11 -0.80 -8.88
C GLY A 184 -10.96 -0.97 -7.63
N TYR A 185 -11.61 -2.11 -7.46
CA TYR A 185 -12.48 -2.34 -6.30
C TYR A 185 -11.97 -3.53 -5.51
N ALA A 186 -11.68 -3.30 -4.23
CA ALA A 186 -11.32 -4.39 -3.35
C ALA A 186 -12.51 -5.32 -3.17
N LEU A 187 -12.22 -6.61 -3.03
CA LEU A 187 -13.26 -7.60 -2.90
C LEU A 187 -13.37 -7.96 -1.42
N PRO A 188 -14.31 -7.36 -0.67
CA PRO A 188 -14.24 -7.43 0.79
C PRO A 188 -14.36 -8.84 1.35
N HIS A 189 -15.14 -9.71 0.71
CA HIS A 189 -15.32 -11.08 1.20
C HIS A 189 -14.03 -11.88 1.15
N ALA A 190 -13.09 -11.49 0.29
CA ALA A 190 -11.84 -12.22 0.12
C ALA A 190 -10.66 -11.58 0.86
N ILE A 191 -10.88 -10.41 1.46
CA ILE A 191 -9.84 -9.76 2.24
C ILE A 191 -9.53 -10.58 3.48
N MET A 192 -8.25 -10.73 3.80
CA MET A 192 -7.83 -11.55 4.91
C MET A 192 -6.77 -10.79 5.68
N ARG A 193 -6.65 -11.14 6.95
CA ARG A 193 -5.85 -10.38 7.88
C ARG A 193 -5.19 -11.35 8.84
N LEU A 194 -3.94 -11.06 9.19
CA LEU A 194 -3.17 -11.91 10.11
CA LEU A 194 -3.21 -11.90 10.14
C LEU A 194 -2.37 -10.99 11.01
N ASP A 195 -2.58 -11.07 12.32
CA ASP A 195 -1.80 -10.29 13.28
C ASP A 195 -0.45 -10.95 13.55
N LEU A 196 0.32 -11.08 12.47
CA LEU A 196 1.70 -11.51 12.53
C LEU A 196 2.43 -10.66 11.51
N ALA A 197 3.39 -9.86 11.96
CA ALA A 197 4.13 -8.99 11.05
C ALA A 197 5.48 -8.67 11.68
N GLY A 198 6.05 -7.52 11.35
CA GLY A 198 7.44 -7.27 11.68
C GLY A 198 7.73 -7.27 13.17
N ARG A 199 6.81 -6.73 13.99
CA ARG A 199 7.04 -6.67 15.42
CA ARG A 199 7.05 -6.68 15.42
C ARG A 199 7.16 -8.08 15.99
N ASP A 200 6.34 -9.02 15.50
CA ASP A 200 6.44 -10.40 15.95
C ASP A 200 7.74 -11.04 15.50
N LEU A 201 8.20 -10.70 14.28
CA LEU A 201 9.47 -11.23 13.80
C LEU A 201 10.64 -10.69 14.62
N THR A 202 10.61 -9.41 15.00
CA THR A 202 11.64 -8.86 15.87
C THR A 202 11.64 -9.58 17.22
N ASP A 203 10.47 -9.76 17.82
CA ASP A 203 10.38 -10.44 19.11
C ASP A 203 10.90 -11.86 19.02
N TYR A 204 10.59 -12.57 17.92
CA TYR A 204 11.10 -13.91 17.75
C TYR A 204 12.61 -13.90 17.59
N LEU A 205 13.17 -12.91 16.89
CA LEU A 205 14.62 -12.86 16.77
C LEU A 205 15.27 -12.61 18.13
N MET A 206 14.66 -11.74 18.95
CA MET A 206 15.17 -11.51 20.29
C MET A 206 15.22 -12.80 21.08
N LYS A 207 14.18 -13.62 20.94
CA LYS A 207 14.09 -14.86 21.70
C LYS A 207 15.15 -15.85 21.26
N ILE A 208 15.29 -16.06 19.95
CA ILE A 208 16.24 -17.06 19.48
C ILE A 208 17.69 -16.59 19.60
N LEU A 209 17.94 -15.28 19.57
CA LEU A 209 19.28 -14.80 19.84
C LEU A 209 19.64 -14.98 21.31
N THR A 210 18.68 -14.72 22.21
CA THR A 210 18.86 -15.01 23.62
C THR A 210 19.21 -16.47 23.83
N GLU A 211 18.64 -17.36 23.02
CA GLU A 211 18.95 -18.78 23.11
C GLU A 211 20.31 -19.11 22.52
N ARG A 212 20.89 -18.22 21.72
CA ARG A 212 22.27 -18.40 21.26
C ARG A 212 23.29 -17.93 22.30
N GLY A 213 22.86 -17.17 23.30
CA GLY A 213 23.76 -16.63 24.30
C GLY A 213 23.84 -15.12 24.32
N TYR A 214 23.10 -14.43 23.46
CA TYR A 214 23.08 -12.97 23.39
C TYR A 214 21.74 -12.47 23.92
N SER A 215 21.75 -11.94 25.15
CA SER A 215 20.52 -11.54 25.81
C SER A 215 20.02 -10.21 25.25
N PHE A 216 18.81 -10.23 24.67
CA PHE A 216 18.13 -9.03 24.22
C PHE A 216 16.72 -9.09 24.80
N VAL A 217 16.40 -8.17 25.72
CA VAL A 217 15.14 -8.26 26.45
C VAL A 217 14.40 -6.92 26.51
N THR A 218 15.13 -5.84 26.80
CA THR A 218 14.50 -4.55 27.06
C THR A 218 13.91 -3.95 25.79
N THR A 219 13.07 -2.93 25.96
CA THR A 219 12.53 -2.22 24.80
C THR A 219 13.64 -1.54 24.00
N ALA A 220 14.69 -1.07 24.67
CA ALA A 220 15.85 -0.54 23.99
C ALA A 220 16.58 -1.62 23.21
N GLU A 221 16.83 -2.77 23.85
CA GLU A 221 17.51 -3.87 23.17
C GLU A 221 16.72 -4.38 21.98
N ARG A 222 15.38 -4.34 22.05
CA ARG A 222 14.55 -4.73 20.92
C ARG A 222 14.92 -3.94 19.67
N GLU A 223 15.17 -2.64 19.83
CA GLU A 223 15.46 -1.82 18.65
C GLU A 223 16.80 -2.21 18.03
N ILE A 224 17.75 -2.71 18.83
CA ILE A 224 18.98 -3.24 18.28
C ILE A 224 18.69 -4.51 17.48
N VAL A 225 17.81 -5.37 18.01
CA VAL A 225 17.45 -6.60 17.31
C VAL A 225 16.72 -6.28 16.02
N ARG A 226 15.84 -5.27 16.04
CA ARG A 226 15.18 -4.86 14.80
C ARG A 226 16.20 -4.47 13.75
N ASP A 227 17.27 -3.78 14.15
CA ASP A 227 18.31 -3.42 13.19
C ASP A 227 19.03 -4.66 12.67
N ILE A 228 19.36 -5.61 13.54
CA ILE A 228 19.96 -6.86 13.10
C ILE A 228 19.05 -7.54 12.08
N LYS A 229 17.75 -7.59 12.38
CA LYS A 229 16.79 -8.23 11.50
C LYS A 229 16.78 -7.59 10.12
N GLU A 230 16.73 -6.26 10.08
CA GLU A 230 16.66 -5.56 8.79
C GLU A 230 17.94 -5.70 8.01
N LYS A 231 19.09 -5.80 8.69
CA LYS A 231 20.36 -5.81 7.98
C LYS A 231 20.78 -7.21 7.55
N LEU A 232 20.41 -8.25 8.30
CA LEU A 232 21.03 -9.56 8.12
C LEU A 232 20.07 -10.71 7.82
N CYS A 233 18.77 -10.54 8.02
CA CYS A 233 17.86 -11.65 7.80
C CYS A 233 17.52 -11.81 6.32
N TYR A 234 17.11 -13.03 5.97
CA TYR A 234 16.67 -13.35 4.61
C TYR A 234 15.78 -14.58 4.67
N VAL A 235 15.02 -14.78 3.60
CA VAL A 235 14.15 -15.95 3.48
C VAL A 235 14.88 -17.01 2.67
N ALA A 236 15.03 -18.20 3.27
CA ALA A 236 15.65 -19.31 2.56
C ALA A 236 14.68 -19.87 1.54
N LEU A 237 15.20 -20.27 0.40
CA LEU A 237 14.34 -20.86 -0.66
C LEU A 237 13.90 -22.26 -0.24
N ASP A 238 14.76 -23.00 0.44
CA ASP A 238 14.49 -24.35 1.00
C ASP A 238 14.97 -24.31 2.44
N PHE A 239 14.05 -24.14 3.37
CA PHE A 239 14.38 -23.95 4.79
C PHE A 239 15.17 -25.12 5.38
N GLU A 240 14.70 -26.33 5.14
CA GLU A 240 15.39 -27.48 5.74
C GLU A 240 16.82 -27.58 5.24
N ASN A 241 17.04 -27.42 3.94
CA ASN A 241 18.41 -27.42 3.41
CA ASN A 241 18.40 -27.42 3.40
C ASN A 241 19.24 -26.31 4.05
N GLU A 242 18.65 -25.15 4.27
CA GLU A 242 19.41 -24.04 4.84
C GLU A 242 19.81 -24.32 6.29
N MET A 243 18.91 -24.90 7.09
CA MET A 243 19.28 -25.35 8.43
C MET A 243 20.45 -26.32 8.39
N ALA A 244 20.45 -27.23 7.43
CA ALA A 244 21.56 -28.19 7.33
C ALA A 244 22.86 -27.50 6.94
N THR A 245 22.79 -26.56 6.00
CA THR A 245 23.97 -25.78 5.65
C THR A 245 24.52 -25.02 6.86
N ALA A 246 23.64 -24.39 7.63
CA ALA A 246 24.10 -23.61 8.78
C ALA A 246 24.74 -24.50 9.85
N ALA A 247 24.31 -25.75 9.97
CA ALA A 247 24.89 -26.63 10.97
C ALA A 247 26.20 -27.26 10.52
N SER A 248 26.48 -27.28 9.21
N SER A 248 26.47 -27.28 9.22
CA SER A 248 27.66 -27.94 8.67
CA SER A 248 27.65 -27.94 8.67
C SER A 248 28.88 -27.04 8.64
C SER A 248 28.88 -27.04 8.61
N SER A 249 28.71 -25.74 8.36
CA SER A 249 29.83 -24.82 8.36
C SER A 249 29.33 -23.44 8.70
N SER A 250 30.24 -22.47 8.68
CA SER A 250 29.94 -21.10 9.01
C SER A 250 29.68 -20.22 7.78
N SER A 251 29.44 -20.85 6.62
CA SER A 251 29.34 -20.09 5.36
C SER A 251 28.17 -19.12 5.36
N LEU A 252 27.17 -19.33 6.21
CA LEU A 252 26.03 -18.43 6.26
C LEU A 252 26.10 -17.46 7.42
N GLU A 253 27.16 -17.50 8.22
CA GLU A 253 27.19 -16.65 9.41
C GLU A 253 27.60 -15.23 9.04
N LYS A 254 27.12 -14.28 9.83
CA LYS A 254 27.44 -12.88 9.65
C LYS A 254 27.78 -12.26 11.00
N SER A 255 28.74 -11.35 10.99
CA SER A 255 29.10 -10.61 12.19
C SER A 255 28.29 -9.33 12.27
N TYR A 256 28.06 -8.87 13.49
CA TYR A 256 27.31 -7.64 13.71
C TYR A 256 27.93 -6.90 14.89
N GLU A 257 28.26 -5.63 14.67
CA GLU A 257 28.89 -4.82 15.71
C GLU A 257 27.82 -4.15 16.57
N LEU A 258 27.92 -4.38 17.87
CA LEU A 258 27.02 -3.78 18.84
C LEU A 258 27.44 -2.34 19.12
N PRO A 259 26.54 -1.53 19.69
CA PRO A 259 26.91 -0.15 20.04
C PRO A 259 28.16 -0.05 20.91
N ASP A 260 28.31 -0.97 21.85
CA ASP A 260 29.47 -1.00 22.73
CA ASP A 260 29.47 -1.03 22.74
C ASP A 260 30.74 -1.50 22.04
N GLY A 261 30.67 -1.87 20.77
CA GLY A 261 31.82 -2.33 20.03
C GLY A 261 32.03 -3.84 20.02
N GLN A 262 31.32 -4.57 20.87
CA GLN A 262 31.42 -6.03 20.86
C GLN A 262 30.81 -6.58 19.57
N VAL A 263 31.42 -7.64 19.04
CA VAL A 263 31.03 -8.22 17.77
C VAL A 263 30.40 -9.58 18.04
N ILE A 264 29.13 -9.74 17.65
CA ILE A 264 28.42 -11.00 17.80
C ILE A 264 28.32 -11.66 16.44
N THR A 265 28.03 -12.95 16.45
CA THR A 265 27.91 -13.74 15.23
C THR A 265 26.54 -14.38 15.20
N ILE A 266 25.81 -14.20 14.12
CA ILE A 266 24.50 -14.80 13.96
C ILE A 266 24.52 -15.75 12.77
N GLY A 267 23.80 -16.86 12.92
CA GLY A 267 23.85 -17.91 11.93
C GLY A 267 22.47 -18.23 11.41
N ASN A 268 21.94 -19.39 11.76
CA ASN A 268 20.64 -19.79 11.24
C ASN A 268 19.52 -18.84 11.67
N GLU A 269 19.75 -17.99 12.67
CA GLU A 269 18.74 -17.01 13.04
C GLU A 269 18.44 -16.07 11.88
N ARG A 270 19.41 -15.87 10.98
CA ARG A 270 19.19 -15.01 9.81
C ARG A 270 17.95 -15.41 9.02
N PHE A 271 17.72 -16.71 8.85
CA PHE A 271 16.58 -17.14 8.06
C PHE A 271 15.48 -17.83 8.86
N ARG A 272 15.77 -18.26 10.09
CA ARG A 272 14.71 -18.78 10.95
C ARG A 272 13.73 -17.69 11.31
N CYS A 273 14.22 -16.45 11.51
CA CYS A 273 13.33 -15.35 11.85
C CYS A 273 12.22 -15.14 10.82
N PRO A 274 12.50 -14.82 9.55
CA PRO A 274 11.39 -14.63 8.59
C PRO A 274 10.74 -15.92 8.15
N GLU A 275 11.33 -17.09 8.42
CA GLU A 275 10.63 -18.33 8.12
C GLU A 275 9.29 -18.38 8.83
N THR A 276 9.18 -17.70 9.96
CA THR A 276 7.91 -17.58 10.69
C THR A 276 6.76 -17.10 9.82
N LEU A 277 7.05 -16.25 8.82
CA LEU A 277 5.99 -15.80 7.92
C LEU A 277 5.37 -16.98 7.17
N PHE A 278 6.16 -18.00 6.87
CA PHE A 278 5.67 -19.18 6.18
C PHE A 278 5.26 -20.27 7.13
N GLN A 279 5.80 -20.28 8.34
CA GLN A 279 5.51 -21.28 9.37
C GLN A 279 5.19 -20.55 10.66
N PRO A 280 3.97 -20.02 10.80
CA PRO A 280 3.61 -19.30 12.03
C PRO A 280 3.74 -20.15 13.30
N SER A 281 3.85 -21.48 13.18
CA SER A 281 4.06 -22.32 14.36
C SER A 281 5.39 -22.02 15.03
N PHE A 282 6.34 -21.38 14.33
CA PHE A 282 7.58 -20.98 14.99
C PHE A 282 7.33 -20.10 16.19
N ILE A 283 6.24 -19.34 16.20
CA ILE A 283 5.87 -18.54 17.35
C ILE A 283 4.61 -19.06 18.03
N GLY A 284 4.27 -20.33 17.77
CA GLY A 284 3.15 -20.96 18.43
C GLY A 284 1.80 -20.65 17.85
N MET A 285 1.74 -20.10 16.64
CA MET A 285 0.46 -19.77 16.03
C MET A 285 0.07 -20.89 15.08
N GLU A 286 -1.21 -21.25 15.09
CA GLU A 286 -1.70 -22.32 14.22
C GLU A 286 -2.11 -21.82 12.84
N SER A 287 -1.86 -20.54 12.55
CA SER A 287 -2.36 -19.91 11.34
C SER A 287 -1.62 -20.41 10.10
N ALA A 288 -2.26 -20.20 8.95
CA ALA A 288 -1.61 -20.42 7.68
C ALA A 288 -0.50 -19.40 7.48
N GLY A 289 0.54 -19.80 6.75
CA GLY A 289 1.60 -18.88 6.37
C GLY A 289 1.19 -17.97 5.23
N ILE A 290 2.07 -17.01 4.92
CA ILE A 290 1.69 -15.95 3.97
C ILE A 290 1.43 -16.51 2.59
N HIS A 291 2.11 -17.60 2.20
CA HIS A 291 1.82 -18.22 0.92
C HIS A 291 0.42 -18.81 0.90
N GLU A 292 -0.02 -19.36 2.03
CA GLU A 292 -1.33 -20.01 2.11
C GLU A 292 -2.44 -18.99 2.26
N THR A 293 -2.22 -17.92 3.02
CA THR A 293 -3.24 -16.88 3.12
C THR A 293 -3.44 -16.21 1.77
N THR A 294 -2.35 -16.04 1.01
CA THR A 294 -2.48 -15.45 -0.31
C THR A 294 -3.30 -16.37 -1.21
N TYR A 295 -2.96 -17.67 -1.23
CA TYR A 295 -3.72 -18.63 -2.00
C TYR A 295 -5.18 -18.68 -1.56
N ASN A 296 -5.43 -18.72 -0.25
CA ASN A 296 -6.80 -18.79 0.26
C ASN A 296 -7.59 -17.56 -0.14
N SER A 297 -6.95 -16.39 -0.16
CA SER A 297 -7.64 -15.17 -0.55
C SER A 297 -8.01 -15.20 -2.02
N ILE A 298 -7.08 -15.62 -2.88
CA ILE A 298 -7.40 -15.79 -4.29
C ILE A 298 -8.55 -16.78 -4.47
N MET A 299 -8.55 -17.86 -3.69
CA MET A 299 -9.58 -18.87 -3.84
C MET A 299 -10.98 -18.40 -3.40
N LYS A 300 -11.05 -17.34 -2.59
CA LYS A 300 -12.34 -16.73 -2.23
C LYS A 300 -12.89 -15.83 -3.33
N CYS A 301 -12.14 -15.62 -4.40
CA CYS A 301 -12.56 -14.76 -5.49
C CYS A 301 -13.16 -15.61 -6.61
N ASP A 302 -13.99 -14.97 -7.43
CA ASP A 302 -14.61 -15.65 -8.57
C ASP A 302 -13.54 -16.31 -9.43
N ILE A 303 -13.85 -17.51 -9.92
CA ILE A 303 -12.84 -18.35 -10.56
CA ILE A 303 -12.88 -18.37 -10.59
C ILE A 303 -12.18 -17.63 -11.73
N ASP A 304 -12.93 -16.89 -12.53
CA ASP A 304 -12.36 -16.34 -13.75
C ASP A 304 -11.42 -15.17 -13.53
N ILE A 305 -11.46 -14.52 -12.36
CA ILE A 305 -10.48 -13.46 -12.08
C ILE A 305 -9.25 -13.95 -11.35
N ARG A 306 -9.25 -15.20 -10.86
CA ARG A 306 -8.10 -15.69 -10.12
C ARG A 306 -6.84 -15.63 -10.97
N LYS A 307 -6.98 -15.91 -12.26
CA LYS A 307 -5.86 -15.86 -13.19
C LYS A 307 -5.15 -14.51 -13.13
N ASP A 308 -5.91 -13.41 -13.11
CA ASP A 308 -5.29 -12.09 -13.05
C ASP A 308 -4.66 -11.83 -11.68
N LEU A 309 -5.24 -12.40 -10.62
CA LEU A 309 -4.65 -12.23 -9.30
C LEU A 309 -3.35 -13.01 -9.18
N TYR A 310 -3.34 -14.26 -9.66
CA TYR A 310 -2.13 -15.07 -9.59
C TYR A 310 -0.95 -14.42 -10.29
N ALA A 311 -1.20 -13.69 -11.38
CA ALA A 311 -0.15 -13.04 -12.15
C ALA A 311 0.22 -11.67 -11.63
N ASN A 312 -0.43 -11.20 -10.55
CA ASN A 312 -0.23 -9.85 -10.06
C ASN A 312 -0.27 -9.82 -8.53
N ASN A 313 0.60 -10.61 -7.91
CA ASN A 313 0.77 -10.59 -6.45
C ASN A 313 1.74 -9.47 -6.14
N VAL A 314 1.26 -8.40 -5.53
CA VAL A 314 2.09 -7.22 -5.29
C VAL A 314 2.47 -7.18 -3.82
N LEU A 315 3.77 -7.21 -3.54
CA LEU A 315 4.28 -7.11 -2.18
C LEU A 315 4.38 -5.65 -1.78
N SER A 316 3.96 -5.35 -0.56
CA SER A 316 4.00 -4.01 0.00
C SER A 316 4.39 -4.08 1.47
N GLY A 317 5.20 -3.12 1.92
CA GLY A 317 5.49 -2.96 3.33
C GLY A 317 6.87 -3.49 3.71
N GLY A 318 7.37 -3.02 4.86
CA GLY A 318 8.72 -3.34 5.28
C GLY A 318 8.99 -4.82 5.49
N THR A 319 7.98 -5.56 5.96
CA THR A 319 8.23 -6.97 6.23
C THR A 319 8.30 -7.80 4.95
N THR A 320 7.97 -7.23 3.80
CA THR A 320 8.22 -7.90 2.53
C THR A 320 9.60 -7.58 1.94
N MET A 321 10.49 -6.92 2.69
CA MET A 321 11.83 -6.54 2.23
C MET A 321 12.89 -7.63 2.36
N TYR A 322 12.61 -8.76 3.01
CA TYR A 322 13.63 -9.77 3.19
C TYR A 322 14.15 -10.24 1.83
N PRO A 323 15.46 -10.26 1.61
CA PRO A 323 15.97 -10.93 0.41
C PRO A 323 15.45 -12.36 0.36
N GLY A 324 15.09 -12.80 -0.84
CA GLY A 324 14.60 -14.14 -1.06
C GLY A 324 13.11 -14.31 -0.92
N ILE A 325 12.37 -13.29 -0.47
CA ILE A 325 10.96 -13.51 -0.16
C ILE A 325 10.13 -13.68 -1.43
N ALA A 326 10.43 -12.91 -2.48
CA ALA A 326 9.67 -13.04 -3.73
C ALA A 326 9.85 -14.42 -4.32
N ASP A 327 11.10 -14.90 -4.37
CA ASP A 327 11.38 -16.21 -4.95
C ASP A 327 10.71 -17.31 -4.15
N ARG A 328 10.70 -17.17 -2.82
CA ARG A 328 10.04 -18.17 -1.99
C ARG A 328 8.53 -18.13 -2.20
N MET A 329 7.94 -16.94 -2.29
CA MET A 329 6.50 -16.85 -2.55
C MET A 329 6.16 -17.46 -3.90
N GLN A 330 6.99 -17.20 -4.92
CA GLN A 330 6.77 -17.80 -6.23
C GLN A 330 6.77 -19.32 -6.14
N LYS A 331 7.76 -19.88 -5.44
CA LYS A 331 7.84 -21.33 -5.26
C LYS A 331 6.61 -21.87 -4.52
N GLU A 332 6.23 -21.23 -3.41
CA GLU A 332 5.18 -21.78 -2.58
C GLU A 332 3.81 -21.65 -3.25
N ILE A 333 3.53 -20.49 -3.85
CA ILE A 333 2.25 -20.33 -4.55
C ILE A 333 2.16 -21.27 -5.76
N THR A 334 3.27 -21.49 -6.45
CA THR A 334 3.26 -22.44 -7.57
C THR A 334 2.84 -23.83 -7.10
N ALA A 335 3.29 -24.22 -5.90
CA ALA A 335 2.94 -25.55 -5.39
C ALA A 335 1.46 -25.68 -5.07
N LEU A 336 0.79 -24.58 -4.72
CA LEU A 336 -0.62 -24.63 -4.34
C LEU A 336 -1.57 -24.42 -5.52
N ALA A 337 -1.13 -23.70 -6.55
CA ALA A 337 -1.97 -23.26 -7.65
C ALA A 337 -2.03 -24.33 -8.75
N PRO A 338 -3.02 -24.24 -9.64
CA PRO A 338 -3.07 -25.16 -10.78
C PRO A 338 -1.77 -25.14 -11.57
N SER A 339 -1.39 -26.32 -12.09
CA SER A 339 -0.12 -26.45 -12.78
C SER A 339 -0.04 -25.58 -14.03
N THR A 340 -1.16 -25.17 -14.60
CA THR A 340 -1.17 -24.38 -15.82
C THR A 340 -1.23 -22.87 -15.55
N MET A 341 -1.12 -22.47 -14.29
CA MET A 341 -1.36 -21.08 -13.91
C MET A 341 -0.07 -20.27 -13.95
N LYS A 342 -0.12 -19.11 -14.61
CA LYS A 342 1.01 -18.18 -14.61
C LYS A 342 1.01 -17.46 -13.27
N ILE A 343 2.14 -17.56 -12.55
CA ILE A 343 2.31 -16.96 -11.23
C ILE A 343 3.37 -15.88 -11.35
N LYS A 344 3.10 -14.71 -10.78
CA LYS A 344 4.11 -13.65 -10.76
C LYS A 344 4.01 -12.88 -9.44
N ILE A 345 5.17 -12.66 -8.82
CA ILE A 345 5.29 -11.84 -7.62
C ILE A 345 5.94 -10.54 -8.05
N ILE A 346 5.30 -9.42 -7.73
CA ILE A 346 5.83 -8.10 -8.02
C ILE A 346 6.38 -7.51 -6.74
N ALA A 347 7.65 -7.15 -6.75
CA ALA A 347 8.36 -6.66 -5.57
C ALA A 347 8.97 -5.29 -5.90
N PRO A 348 8.20 -4.21 -5.80
CA PRO A 348 8.73 -2.89 -6.10
C PRO A 348 9.87 -2.55 -5.17
N PRO A 349 10.98 -2.01 -5.69
N PRO A 349 10.98 -2.00 -5.69
CA PRO A 349 12.14 -1.73 -4.81
C PRO A 349 11.83 -0.76 -3.70
N GLU A 350 10.92 0.18 -3.94
CA GLU A 350 10.45 1.22 -3.03
CA GLU A 350 10.53 1.18 -2.95
C GLU A 350 9.31 0.75 -2.12
N ARG A 351 9.06 -0.55 -2.00
CA ARG A 351 7.82 -1.00 -1.36
C ARG A 351 7.71 -0.70 0.13
N LYS A 352 8.77 -0.25 0.81
CA LYS A 352 8.58 0.27 2.16
C LYS A 352 7.69 1.50 2.16
N TYR A 353 7.54 2.14 0.99
CA TYR A 353 6.85 3.42 0.91
C TYR A 353 5.73 3.41 -0.11
N SER A 354 5.36 2.23 -0.62
N SER A 354 5.33 2.24 -0.62
CA SER A 354 4.34 2.13 -1.68
CA SER A 354 4.35 2.20 -1.71
C SER A 354 3.01 2.72 -1.24
C SER A 354 2.97 2.66 -1.27
N VAL A 355 2.59 2.43 -0.02
CA VAL A 355 1.33 2.98 0.49
C VAL A 355 1.38 4.50 0.43
N TRP A 356 2.44 5.09 0.99
CA TRP A 356 2.57 6.54 1.00
C TRP A 356 2.58 7.09 -0.43
N ILE A 357 3.34 6.45 -1.33
CA ILE A 357 3.46 6.95 -2.70
C ILE A 357 2.11 6.90 -3.41
N GLY A 358 1.36 5.81 -3.22
CA GLY A 358 0.02 5.76 -3.80
C GLY A 358 -0.85 6.87 -3.27
N GLY A 359 -0.73 7.17 -1.98
CA GLY A 359 -1.45 8.31 -1.43
C GLY A 359 -1.04 9.64 -2.04
N SER A 360 0.27 9.82 -2.25
CA SER A 360 0.75 11.06 -2.87
C SER A 360 0.16 11.23 -4.27
N ILE A 361 0.08 10.14 -5.03
CA ILE A 361 -0.50 10.20 -6.38
C ILE A 361 -1.98 10.54 -6.30
N LEU A 362 -2.76 9.76 -5.54
CA LEU A 362 -4.20 9.98 -5.51
C LEU A 362 -4.55 11.36 -4.96
N ALA A 363 -3.83 11.80 -3.92
CA ALA A 363 -4.09 13.12 -3.34
C ALA A 363 -3.71 14.25 -4.28
N SER A 364 -2.99 13.95 -5.36
CA SER A 364 -2.70 14.94 -6.40
C SER A 364 -3.79 15.07 -7.43
N LEU A 365 -4.87 14.29 -7.33
CA LEU A 365 -5.93 14.27 -8.33
C LEU A 365 -7.16 14.99 -7.79
N SER A 366 -7.65 15.98 -8.55
CA SER A 366 -8.78 16.77 -8.06
C SER A 366 -10.03 15.93 -7.84
N THR A 367 -10.27 14.93 -8.70
CA THR A 367 -11.47 14.13 -8.51
C THR A 367 -11.40 13.28 -7.25
N PHE A 368 -10.21 12.80 -6.88
CA PHE A 368 -10.11 12.08 -5.62
C PHE A 368 -10.34 13.02 -4.45
N GLN A 369 -9.76 14.23 -4.51
CA GLN A 369 -9.99 15.20 -3.44
CA GLN A 369 -9.98 15.25 -3.48
C GLN A 369 -11.46 15.59 -3.34
N GLN A 370 -12.23 15.49 -4.44
CA GLN A 370 -13.65 15.83 -4.39
C GLN A 370 -14.40 14.96 -3.41
N MET A 371 -13.87 13.79 -3.11
CA MET A 371 -14.54 12.83 -2.26
C MET A 371 -14.22 13.06 -0.79
N TRP A 372 -13.31 13.98 -0.48
CA TRP A 372 -12.87 14.13 0.89
C TRP A 372 -13.95 14.79 1.74
N ILE A 373 -13.86 14.53 3.04
CA ILE A 373 -14.77 15.13 4.03
C ILE A 373 -14.32 16.55 4.31
N SER A 374 -15.22 17.52 4.16
CA SER A 374 -14.87 18.88 4.53
C SER A 374 -15.24 19.13 5.99
N LYS A 375 -14.62 20.17 6.55
CA LYS A 375 -14.96 20.59 7.91
CA LYS A 375 -14.97 20.57 7.92
C LYS A 375 -16.44 20.89 8.05
N GLN A 376 -17.04 21.55 7.05
CA GLN A 376 -18.47 21.85 7.12
C GLN A 376 -19.29 20.57 7.14
N GLU A 377 -18.89 19.56 6.35
CA GLU A 377 -19.62 18.30 6.36
C GLU A 377 -19.47 17.60 7.70
N TYR A 378 -18.26 17.63 8.29
CA TYR A 378 -18.06 17.03 9.61
C TYR A 378 -18.91 17.73 10.66
N ASP A 379 -18.96 19.08 10.60
CA ASP A 379 -19.75 19.83 11.56
C ASP A 379 -21.23 19.46 11.48
N GLU A 380 -21.70 19.11 10.28
CA GLU A 380 -23.10 18.73 10.09
C GLU A 380 -23.36 17.27 10.49
N ALA A 381 -22.44 16.37 10.12
CA ALA A 381 -22.72 14.94 10.19
C ALA A 381 -22.00 14.19 11.31
N GLY A 382 -20.90 14.74 11.85
CA GLY A 382 -20.12 14.04 12.83
C GLY A 382 -19.31 12.88 12.27
N PRO A 383 -18.69 12.09 13.16
CA PRO A 383 -17.77 11.04 12.71
C PRO A 383 -18.38 10.00 11.79
N SER A 384 -19.69 9.76 11.87
CA SER A 384 -20.29 8.72 11.03
C SER A 384 -20.11 9.00 9.55
N ILE A 385 -19.87 10.26 9.19
CA ILE A 385 -19.69 10.58 7.78
C ILE A 385 -18.52 9.84 7.15
N VAL A 386 -17.53 9.42 7.95
CA VAL A 386 -16.35 8.79 7.34
C VAL A 386 -16.72 7.53 6.57
N HIS A 387 -17.70 6.77 7.08
CA HIS A 387 -18.10 5.54 6.39
C HIS A 387 -18.90 5.80 5.14
N ARG A 388 -19.47 7.01 5.01
CA ARG A 388 -20.25 7.32 3.82
C ARG A 388 -19.43 7.94 2.72
N LYS A 389 -18.18 8.33 3.00
CA LYS A 389 -17.35 9.03 2.03
C LYS A 389 -16.07 8.31 1.68
N CYS A 390 -15.50 7.52 2.59
CA CYS A 390 -14.18 6.92 2.43
C CYS A 390 -14.30 5.44 2.13
N PHE A 391 -13.86 5.05 0.93
CA PHE A 391 -13.95 3.69 0.43
C PHE A 391 -12.58 3.30 -0.13
N TYR B 7 -11.22 -12.05 12.18
CA TYR B 7 -11.72 -10.72 11.83
C TYR B 7 -12.85 -10.84 10.81
N ASN B 8 -14.03 -10.30 11.13
CA ASN B 8 -15.18 -10.32 10.25
C ASN B 8 -15.51 -8.91 9.75
N ILE B 9 -16.45 -8.84 8.82
CA ILE B 9 -16.72 -7.61 8.09
C ILE B 9 -17.69 -6.64 8.79
N ALA B 10 -18.64 -7.15 9.56
CA ALA B 10 -19.92 -6.44 9.77
C ALA B 10 -19.76 -5.03 10.34
N ASP B 11 -19.01 -4.89 11.42
CA ASP B 11 -18.78 -3.63 12.15
C ASP B 11 -17.39 -3.09 11.87
N SER B 12 -16.88 -3.35 10.67
CA SER B 12 -15.50 -3.02 10.31
C SER B 12 -15.49 -1.96 9.22
N ASN B 13 -14.29 -1.42 8.97
CA ASN B 13 -14.11 -0.40 7.94
C ASN B 13 -14.24 -0.92 6.50
N ILE B 14 -14.53 -2.19 6.27
CA ILE B 14 -14.84 -2.65 4.92
C ILE B 14 -16.30 -3.04 4.76
N ALA B 15 -17.13 -2.76 5.77
CA ALA B 15 -18.55 -3.11 5.70
C ALA B 15 -19.29 -2.34 4.62
N ASN B 16 -18.78 -1.19 4.16
CA ASN B 16 -19.43 -0.42 3.11
C ASN B 16 -18.80 -0.62 1.74
N LEU B 17 -17.81 -1.49 1.62
CA LEU B 17 -17.25 -1.79 0.32
C LEU B 17 -18.20 -2.69 -0.46
N GLY B 18 -18.23 -2.51 -1.77
CA GLY B 18 -19.10 -3.32 -2.60
C GLY B 18 -20.56 -2.93 -2.55
N THR B 19 -20.88 -1.79 -1.97
CA THR B 19 -22.25 -1.34 -1.82
C THR B 19 -22.65 -0.41 -2.97
N GLU B 20 -23.95 -0.18 -3.08
CA GLU B 20 -24.46 0.84 -3.98
C GLU B 20 -23.96 2.22 -3.57
N LEU B 21 -23.76 2.45 -2.28
CA LEU B 21 -23.29 3.74 -1.81
C LEU B 21 -21.89 4.04 -2.35
N GLU B 22 -20.99 3.05 -2.26
CA GLU B 22 -19.66 3.21 -2.83
C GLU B 22 -19.73 3.57 -4.31
N LYS B 23 -20.55 2.83 -5.06
CA LYS B 23 -20.69 3.12 -6.49
C LYS B 23 -21.21 4.53 -6.73
N LYS B 24 -22.17 4.98 -5.92
CA LYS B 24 -22.74 6.31 -6.11
C LYS B 24 -21.72 7.40 -5.86
N VAL B 25 -20.92 7.26 -4.81
CA VAL B 25 -19.93 8.26 -4.47
C VAL B 25 -18.87 8.35 -5.57
N LYS B 26 -18.42 7.19 -6.07
CA LYS B 26 -17.39 7.20 -7.11
C LYS B 26 -17.93 7.69 -8.44
N LEU B 27 -19.21 7.39 -8.74
CA LEU B 27 -19.80 7.94 -9.95
C LEU B 27 -19.86 9.46 -9.90
N GLU B 28 -20.21 10.01 -8.73
CA GLU B 28 -20.24 11.46 -8.59
C GLU B 28 -18.86 12.06 -8.77
N ALA B 29 -17.83 11.43 -8.19
CA ALA B 29 -16.48 11.98 -8.34
C ALA B 29 -16.09 12.05 -9.81
N SER B 30 -16.50 11.05 -10.60
CA SER B 30 -16.08 11.01 -12.00
C SER B 30 -16.71 12.12 -12.83
N GLN B 31 -17.77 12.75 -12.32
CA GLN B 31 -18.39 13.87 -13.02
C GLN B 31 -17.54 15.12 -12.99
N HIS B 32 -16.46 15.12 -12.22
CA HIS B 32 -15.63 16.30 -12.04
C HIS B 32 -14.37 16.29 -12.90
N GLU B 33 -14.27 15.38 -13.87
CA GLU B 33 -13.13 15.29 -14.79
C GLU B 33 -13.62 15.70 -16.18
N ASP B 34 -13.13 16.85 -16.66
CA ASP B 34 -13.58 17.38 -17.96
C ASP B 34 -13.28 16.42 -19.10
N ALA B 35 -12.23 15.61 -18.99
CA ALA B 35 -11.82 14.75 -20.09
C ALA B 35 -12.90 13.75 -20.48
N TRP B 36 -13.77 13.37 -19.54
CA TRP B 36 -14.76 12.34 -19.85
C TRP B 36 -16.01 12.89 -20.52
N LYS B 37 -16.21 14.21 -20.49
CA LYS B 37 -17.41 14.80 -21.09
C LYS B 37 -17.44 14.49 -22.58
N GLY B 38 -18.51 13.85 -23.02
CA GLY B 38 -18.64 13.45 -24.40
C GLY B 38 -17.89 12.19 -24.79
N ALA B 39 -17.19 11.53 -23.86
CA ALA B 39 -16.47 10.32 -24.21
C ALA B 39 -17.42 9.15 -24.43
N GLY B 40 -16.99 8.20 -25.26
CA GLY B 40 -17.72 6.96 -25.48
C GLY B 40 -19.09 7.12 -26.10
N LYS B 41 -19.26 8.12 -26.96
CA LYS B 41 -20.58 8.41 -27.51
C LYS B 41 -20.78 7.80 -28.89
N GLN B 42 -19.70 7.37 -29.54
CA GLN B 42 -19.79 6.71 -30.83
C GLN B 42 -18.66 5.71 -30.95
N VAL B 43 -18.83 4.74 -31.88
CA VAL B 43 -17.79 3.75 -32.13
C VAL B 43 -16.49 4.44 -32.52
N GLY B 44 -15.39 3.97 -31.96
CA GLY B 44 -14.09 4.49 -32.30
C GLY B 44 -13.14 4.40 -31.12
N VAL B 45 -11.99 5.03 -31.28
CA VAL B 45 -10.93 5.01 -30.29
C VAL B 45 -10.64 6.44 -29.85
N GLU B 46 -10.65 6.67 -28.54
CA GLU B 46 -10.34 7.95 -27.93
C GLU B 46 -9.12 7.75 -27.03
N ILE B 47 -8.20 8.71 -27.06
CA ILE B 47 -6.92 8.57 -26.38
C ILE B 47 -6.59 9.82 -25.58
N TRP B 48 -6.17 9.63 -24.33
CA TRP B 48 -5.63 10.69 -23.48
C TRP B 48 -4.26 10.28 -22.95
N ARG B 49 -3.44 11.29 -22.65
CA ARG B 49 -2.14 11.10 -22.04
C ARG B 49 -2.11 11.76 -20.67
N ILE B 50 -1.48 11.10 -19.70
CA ILE B 50 -1.27 11.71 -18.39
C ILE B 50 -0.14 12.74 -18.50
N GLN B 51 -0.42 13.97 -18.09
CA GLN B 51 0.59 15.04 -18.11
C GLN B 51 0.54 15.76 -16.77
N GLN B 52 1.56 15.52 -15.93
CA GLN B 52 1.65 16.09 -14.59
C GLN B 52 0.32 15.95 -13.84
N PHE B 53 -0.15 14.70 -13.76
CA PHE B 53 -1.35 14.26 -13.06
C PHE B 53 -2.66 14.57 -13.81
N LYS B 54 -2.61 15.30 -14.91
CA LYS B 54 -3.81 15.71 -15.62
C LYS B 54 -4.06 14.77 -16.80
N VAL B 55 -5.34 14.61 -17.13
CA VAL B 55 -5.76 13.77 -18.25
C VAL B 55 -5.92 14.69 -19.46
N VAL B 56 -5.05 14.54 -20.45
CA VAL B 56 -4.96 15.47 -21.57
C VAL B 56 -5.29 14.74 -22.86
N PRO B 57 -6.25 15.20 -23.65
CA PRO B 57 -6.59 14.52 -24.90
C PRO B 57 -5.40 14.49 -25.86
N VAL B 58 -5.27 13.40 -26.59
CA VAL B 58 -4.30 13.28 -27.68
C VAL B 58 -5.03 13.61 -28.98
N PRO B 59 -4.51 14.52 -29.79
CA PRO B 59 -5.16 14.83 -31.07
C PRO B 59 -5.32 13.57 -31.92
N LYS B 60 -6.48 13.49 -32.60
CA LYS B 60 -6.82 12.35 -33.45
C LYS B 60 -5.69 12.00 -34.41
N LYS B 61 -5.03 13.00 -35.00
CA LYS B 61 -4.00 12.74 -35.99
C LYS B 61 -2.80 11.98 -35.41
N HIS B 62 -2.64 11.96 -34.08
CA HIS B 62 -1.50 11.28 -33.47
C HIS B 62 -1.88 9.98 -32.78
N HIS B 63 -3.16 9.58 -32.84
CA HIS B 63 -3.56 8.32 -32.24
C HIS B 63 -2.78 7.17 -32.86
N GLY B 64 -2.28 6.28 -31.99
CA GLY B 64 -1.47 5.17 -32.39
C GLY B 64 0.02 5.40 -32.20
N SER B 65 0.43 6.64 -32.00
CA SER B 65 1.80 6.97 -31.63
C SER B 65 1.87 7.23 -30.14
N PHE B 66 2.81 6.57 -29.47
CA PHE B 66 2.92 6.61 -28.01
C PHE B 66 4.36 6.88 -27.62
N TYR B 67 4.54 7.86 -26.72
CA TYR B 67 5.87 8.13 -26.17
C TYR B 67 6.23 7.08 -25.12
N THR B 68 7.43 6.51 -25.25
CA THR B 68 7.86 5.46 -24.35
C THR B 68 8.00 5.98 -22.91
N GLY B 69 8.17 7.29 -22.73
CA GLY B 69 8.26 7.83 -21.40
C GLY B 69 6.94 8.17 -20.75
N ASP B 70 5.81 7.82 -21.37
CA ASP B 70 4.53 8.31 -20.91
C ASP B 70 3.50 7.19 -20.69
N SER B 71 2.38 7.58 -20.06
CA SER B 71 1.24 6.71 -19.81
C SER B 71 -0.01 7.30 -20.43
N TYR B 72 -0.88 6.41 -20.93
CA TYR B 72 -2.05 6.81 -21.70
C TYR B 72 -3.27 5.98 -21.30
N ILE B 73 -4.45 6.55 -21.58
CA ILE B 73 -5.72 5.85 -21.48
C ILE B 73 -6.34 5.81 -22.86
N VAL B 74 -6.74 4.63 -23.30
CA VAL B 74 -7.28 4.39 -24.63
C VAL B 74 -8.66 3.77 -24.46
N LEU B 75 -9.72 4.49 -24.82
CA LEU B 75 -11.09 3.99 -24.73
C LEU B 75 -11.53 3.53 -26.11
N SER B 76 -11.83 2.24 -26.25
CA SER B 76 -12.35 1.67 -27.48
C SER B 76 -13.84 1.41 -27.32
N THR B 77 -14.64 2.14 -28.09
CA THR B 77 -16.10 2.02 -28.07
C THR B 77 -16.51 1.22 -29.30
N TYR B 78 -17.40 0.24 -29.10
CA TYR B 78 -17.77 -0.65 -30.19
C TYR B 78 -19.19 -1.13 -29.97
N HIS B 79 -19.79 -1.69 -31.03
CA HIS B 79 -21.12 -2.27 -30.82
C HIS B 79 -20.97 -3.73 -30.37
N PRO B 80 -21.58 -4.12 -29.26
CA PRO B 80 -21.49 -5.52 -28.81
C PRO B 80 -22.33 -6.44 -29.69
N LYS B 81 -21.99 -7.73 -29.61
CA LYS B 81 -22.75 -8.75 -30.33
C LYS B 81 -24.23 -8.73 -29.96
N THR B 82 -24.55 -8.37 -28.72
CA THR B 82 -25.93 -8.48 -28.25
C THR B 82 -26.84 -7.41 -28.85
N ASN B 83 -26.32 -6.30 -29.34
CA ASN B 83 -27.21 -5.25 -29.84
C ASN B 83 -26.43 -4.31 -30.74
N PRO B 84 -26.75 -4.25 -32.04
CA PRO B 84 -25.93 -3.45 -32.97
C PRO B 84 -26.12 -1.98 -32.82
N ASP B 85 -27.07 -1.55 -32.00
CA ASP B 85 -27.39 -0.14 -31.83
C ASP B 85 -26.90 0.40 -30.49
N LYS B 86 -26.31 -0.43 -29.65
CA LYS B 86 -25.84 0.00 -28.34
C LYS B 86 -24.31 0.00 -28.34
N LEU B 87 -23.73 0.55 -27.27
CA LEU B 87 -22.28 0.70 -27.18
C LEU B 87 -21.75 -0.09 -25.99
N ALA B 88 -20.58 -0.69 -26.20
CA ALA B 88 -19.80 -1.36 -25.17
C ALA B 88 -18.38 -0.81 -25.24
N TYR B 89 -17.57 -1.15 -24.25
CA TYR B 89 -16.29 -0.46 -24.07
C TYR B 89 -15.18 -1.38 -23.58
N ASP B 90 -14.01 -1.28 -24.21
CA ASP B 90 -12.76 -1.74 -23.62
C ASP B 90 -11.93 -0.50 -23.31
N VAL B 91 -11.43 -0.41 -22.08
CA VAL B 91 -10.53 0.67 -21.71
C VAL B 91 -9.15 0.10 -21.42
N HIS B 92 -8.17 0.53 -22.21
CA HIS B 92 -6.79 0.08 -22.07
C HIS B 92 -5.98 1.23 -21.49
N PHE B 93 -5.13 0.93 -20.52
CA PHE B 93 -4.13 1.91 -20.11
C PHE B 93 -2.75 1.43 -20.50
N TRP B 94 -2.03 2.27 -21.24
CA TRP B 94 -0.77 1.90 -21.86
C TRP B 94 0.36 2.57 -21.10
N LEU B 95 1.30 1.76 -20.62
CA LEU B 95 2.37 2.21 -19.75
C LEU B 95 3.68 2.07 -20.51
N GLY B 96 4.28 3.20 -20.87
CA GLY B 96 5.55 3.15 -21.58
C GLY B 96 6.66 2.55 -20.72
N ALA B 97 7.67 1.99 -21.40
CA ALA B 97 8.79 1.35 -20.70
C ALA B 97 9.49 2.32 -19.77
N PHE B 98 9.43 3.62 -20.05
CA PHE B 98 10.15 4.61 -19.26
C PHE B 98 9.22 5.58 -18.54
N THR B 99 7.93 5.27 -18.46
CA THR B 99 7.02 6.14 -17.74
C THR B 99 7.35 6.12 -16.26
N THR B 100 7.07 7.24 -15.59
CA THR B 100 7.34 7.35 -14.17
C THR B 100 6.13 6.94 -13.34
N GLN B 101 6.39 6.70 -12.05
CA GLN B 101 5.42 6.04 -11.18
C GLN B 101 4.15 6.87 -11.02
N ASP B 102 4.30 8.20 -10.98
CA ASP B 102 3.13 9.07 -10.91
C ASP B 102 2.24 8.93 -12.13
N GLU B 103 2.85 8.77 -13.31
CA GLU B 103 2.08 8.68 -14.55
C GLU B 103 1.31 7.37 -14.61
N ALA B 104 1.99 6.26 -14.32
CA ALA B 104 1.33 4.96 -14.36
C ALA B 104 0.25 4.86 -13.31
N GLY B 105 0.50 5.40 -12.12
CA GLY B 105 -0.49 5.32 -11.07
C GLY B 105 -1.71 6.15 -11.38
N THR B 106 -1.48 7.34 -11.97
CA THR B 106 -2.62 8.18 -12.36
C THR B 106 -3.40 7.52 -13.49
N ALA B 107 -2.71 6.93 -14.46
CA ALA B 107 -3.39 6.25 -15.55
C ALA B 107 -4.27 5.13 -15.01
N ALA B 108 -3.76 4.37 -14.03
CA ALA B 108 -4.55 3.30 -13.44
C ALA B 108 -5.78 3.86 -12.71
N TYR B 109 -5.58 4.85 -11.84
CA TYR B 109 -6.71 5.41 -11.11
C TYR B 109 -7.74 6.00 -12.05
N LYS B 110 -7.27 6.74 -13.07
CA LYS B 110 -8.20 7.40 -13.98
C LYS B 110 -8.90 6.41 -14.91
N THR B 111 -8.28 5.25 -15.16
CA THR B 111 -8.96 4.18 -15.87
C THR B 111 -10.16 3.69 -15.07
N VAL B 112 -9.98 3.48 -13.77
CA VAL B 112 -11.11 3.11 -12.91
C VAL B 112 -12.17 4.20 -12.96
N GLU B 113 -11.75 5.46 -12.94
CA GLU B 113 -12.70 6.56 -12.91
C GLU B 113 -13.51 6.62 -14.19
N LEU B 114 -12.87 6.40 -15.35
CA LEU B 114 -13.61 6.38 -16.61
C LEU B 114 -14.57 5.20 -16.64
N ASP B 115 -14.14 4.06 -16.11
CA ASP B 115 -15.03 2.91 -15.94
C ASP B 115 -16.25 3.31 -15.12
N ASP B 116 -16.03 3.97 -13.97
CA ASP B 116 -17.13 4.49 -13.15
C ASP B 116 -18.04 5.40 -13.95
N TYR B 117 -17.44 6.34 -14.68
CA TYR B 117 -18.21 7.32 -15.46
C TYR B 117 -19.13 6.63 -16.46
N LEU B 118 -18.69 5.50 -17.02
CA LEU B 118 -19.45 4.73 -17.97
C LEU B 118 -20.21 3.57 -17.32
N GLY B 119 -20.51 3.70 -16.02
CA GLY B 119 -21.42 2.78 -15.38
C GLY B 119 -20.86 1.42 -15.10
N GLY B 120 -19.53 1.28 -15.09
CA GLY B 120 -18.92 -0.02 -14.88
C GLY B 120 -18.78 -0.86 -16.12
N LEU B 121 -19.39 -0.43 -17.22
CA LEU B 121 -19.42 -1.26 -18.43
C LEU B 121 -18.04 -1.52 -19.03
N PRO B 122 -17.10 -0.58 -19.08
CA PRO B 122 -15.80 -0.88 -19.70
C PRO B 122 -15.08 -2.04 -19.03
N VAL B 123 -14.46 -2.87 -19.85
CA VAL B 123 -13.55 -3.90 -19.37
C VAL B 123 -12.14 -3.33 -19.42
N GLN B 124 -11.40 -3.45 -18.33
CA GLN B 124 -10.09 -2.81 -18.21
C GLN B 124 -8.97 -3.74 -18.66
N TYR B 125 -7.97 -3.14 -19.34
CA TYR B 125 -6.80 -3.87 -19.82
C TYR B 125 -5.55 -3.06 -19.51
N ARG B 126 -4.62 -3.65 -18.77
CA ARG B 126 -3.33 -3.02 -18.51
C ARG B 126 -2.34 -3.41 -19.62
N GLU B 127 -1.81 -2.42 -20.34
CA GLU B 127 -0.98 -2.63 -21.53
C GLU B 127 0.40 -2.05 -21.31
N VAL B 128 1.34 -2.86 -20.85
CA VAL B 128 2.72 -2.41 -20.67
C VAL B 128 3.43 -2.51 -22.01
N GLN B 129 4.23 -1.49 -22.35
CA GLN B 129 5.00 -1.56 -23.59
C GLN B 129 5.77 -2.87 -23.69
N GLY B 130 5.64 -3.54 -24.83
CA GLY B 130 6.24 -4.85 -25.03
C GLY B 130 5.35 -6.01 -24.64
N TYR B 131 4.23 -5.74 -23.97
CA TYR B 131 3.33 -6.76 -23.46
C TYR B 131 1.90 -6.46 -23.87
N GLU B 132 1.69 -5.67 -24.92
CA GLU B 132 0.35 -5.26 -25.29
C GLU B 132 -0.47 -6.45 -25.79
N SER B 133 -1.73 -6.48 -25.36
CA SER B 133 -2.63 -7.57 -25.71
C SER B 133 -2.97 -7.56 -27.20
N GLU B 134 -3.43 -8.71 -27.68
CA GLU B 134 -3.92 -8.80 -29.04
C GLU B 134 -5.05 -7.80 -29.27
N ARG B 135 -5.91 -7.61 -28.26
CA ARG B 135 -6.98 -6.63 -28.37
C ARG B 135 -6.42 -5.23 -28.62
N PHE B 136 -5.38 -4.85 -27.87
CA PHE B 136 -4.81 -3.51 -28.05
C PHE B 136 -4.14 -3.38 -29.41
N LEU B 137 -3.36 -4.40 -29.81
CA LEU B 137 -2.70 -4.36 -31.10
C LEU B 137 -3.71 -4.15 -32.23
N SER B 138 -4.89 -4.77 -32.10
N SER B 138 -4.88 -4.78 -32.13
CA SER B 138 -5.93 -4.74 -33.11
CA SER B 138 -5.86 -4.70 -33.21
C SER B 138 -6.60 -3.37 -33.24
C SER B 138 -6.60 -3.38 -33.25
N LEU B 139 -6.37 -2.47 -32.30
CA LEU B 139 -6.96 -1.14 -32.39
C LEU B 139 -6.31 -0.29 -33.48
N PHE B 140 -5.12 -0.67 -33.94
CA PHE B 140 -4.35 0.15 -34.87
C PHE B 140 -3.96 -0.69 -36.10
N PRO B 141 -4.94 -1.10 -36.91
CA PRO B 141 -4.64 -1.98 -38.05
C PRO B 141 -3.87 -1.29 -39.17
N GLY B 144 -0.29 0.44 -37.64
CA GLY B 144 0.22 -0.21 -36.44
C GLY B 144 0.58 0.74 -35.33
N LEU B 145 1.21 0.19 -34.30
CA LEU B 145 1.70 0.97 -33.19
C LEU B 145 2.97 1.70 -33.62
N ARG B 146 3.13 2.94 -33.19
CA ARG B 146 4.39 3.66 -33.36
C ARG B 146 4.88 4.11 -32.00
N ILE B 147 6.09 3.70 -31.61
CA ILE B 147 6.66 4.09 -30.32
C ILE B 147 7.67 5.20 -30.54
N LEU B 148 7.53 6.29 -29.77
CA LEU B 148 8.36 7.47 -29.90
C LEU B 148 9.27 7.60 -28.67
N ASP B 149 10.50 8.05 -28.90
CA ASP B 149 11.38 8.32 -27.78
C ASP B 149 10.97 9.60 -27.06
N GLY B 150 11.19 9.64 -25.76
CA GLY B 150 10.90 10.83 -24.98
C GLY B 150 9.55 10.75 -24.28
N GLY B 151 9.04 11.92 -23.94
CA GLY B 151 7.78 12.04 -23.21
C GLY B 151 7.80 13.27 -22.32
N VAL B 152 6.66 13.54 -21.69
CA VAL B 152 6.54 14.70 -20.82
C VAL B 152 7.13 14.39 -19.44
N GLU B 153 7.56 15.45 -18.76
CA GLU B 153 8.18 15.34 -17.45
C GLU B 153 7.21 14.85 -16.40
N THR B 154 7.74 14.08 -15.45
CA THR B 154 7.01 13.63 -14.27
C THR B 154 6.34 14.79 -13.55
N GLY B 155 5.16 14.51 -12.98
CA GLY B 155 4.54 15.47 -12.08
C GLY B 155 5.08 15.44 -10.66
N PHE B 156 5.87 14.43 -10.31
CA PHE B 156 6.43 14.35 -8.96
C PHE B 156 7.49 15.42 -8.77
N HIS B 157 7.53 15.97 -7.57
CA HIS B 157 8.71 16.67 -7.08
C HIS B 157 9.64 15.64 -6.44
N HIS B 158 10.93 15.69 -6.79
CA HIS B 158 11.87 14.71 -6.28
C HIS B 158 12.38 15.18 -4.92
N VAL B 159 12.21 14.33 -3.91
CA VAL B 159 12.73 14.60 -2.57
C VAL B 159 14.17 14.10 -2.55
N GLU B 160 15.11 15.01 -2.34
CA GLU B 160 16.52 14.67 -2.36
C GLU B 160 16.88 13.80 -1.16
PG ANP C . 1.57 -1.62 9.72
O1G ANP C . 1.30 -1.33 8.27
O2G ANP C . 0.50 -0.90 10.62
O3G ANP C . 1.47 -3.17 9.90
PB ANP C . 4.15 -0.06 9.33
O1B ANP C . 4.75 0.86 10.31
O2B ANP C . 3.42 0.60 8.12
N3B ANP C . 3.12 -1.11 10.22
PA ANP C . 6.38 -0.59 7.60
O1A ANP C . 5.85 -1.05 6.29
O2A ANP C . 6.82 0.86 7.77
O3A ANP C . 5.35 -0.95 8.79
O5' ANP C . 7.55 -1.61 7.94
C5' ANP C . 8.20 -1.57 9.21
C4' ANP C . 8.55 -3.00 9.55
O4' ANP C . 9.33 -3.56 8.46
C3' ANP C . 9.39 -3.16 10.81
O3' ANP C . 9.05 -4.37 11.48
C2' ANP C . 10.81 -3.25 10.24
O2' ANP C . 11.72 -3.90 11.13
C1' ANP C . 10.55 -4.08 8.99
N9 ANP C . 11.60 -3.96 8.00
C8 ANP C . 12.10 -2.80 7.46
N7 ANP C . 13.07 -3.00 6.61
C5 ANP C . 13.24 -4.37 6.59
C6 ANP C . 14.10 -5.22 5.87
N6 ANP C . 15.03 -4.78 5.01
N1 ANP C . 13.99 -6.55 6.08
C2 ANP C . 13.07 -7.00 6.95
N3 ANP C . 12.21 -6.29 7.68
C4 ANP C . 12.33 -4.98 7.45
MG MG D . 1.98 0.01 6.86
P PO4 E . 7.97 26.94 12.54
O1 PO4 E . 8.84 27.63 11.52
O2 PO4 E . 8.33 27.46 13.92
O3 PO4 E . 8.21 25.46 12.51
O4 PO4 E . 6.52 27.24 12.25
C1 EDO F . -8.54 3.78 -1.19
O1 EDO F . -9.19 3.83 0.09
C2 EDO F . -8.71 5.11 -1.90
O2 EDO F . -10.12 5.39 -2.07
C1 EDO G . -12.04 -0.20 -2.32
O1 EDO G . -13.04 -0.98 -2.98
C2 EDO G . -11.21 0.48 -3.40
O2 EDO G . -10.63 1.65 -2.82
C1 EDO H . 8.57 -14.14 -8.56
O1 EDO H . 7.73 -13.87 -9.69
C2 EDO H . 9.81 -13.25 -8.54
O2 EDO H . 9.46 -11.90 -8.23
CA CA I . -15.74 -2.31 -15.57
CA CA J . 6.74 10.91 -18.80
C1 EDO K . -14.91 -8.28 -26.77
O1 EDO K . -14.41 -8.91 -25.59
C2 EDO K . -14.37 -6.86 -26.89
O2 EDO K . -12.93 -6.92 -26.88
C1 EDO L . -13.11 -3.16 -28.67
O1 EDO L . -11.88 -2.62 -29.14
C2 EDO L . -13.45 -4.45 -29.42
O2 EDO L . -13.39 -4.21 -30.83
C1 EDO M . 0.93 10.91 -28.50
O1 EDO M . 1.36 11.56 -27.31
C2 EDO M . 1.91 11.22 -29.62
O2 EDO M . 1.94 12.63 -29.85
#